data_3PPU
#
_entry.id   3PPU
#
_cell.length_a   166.823
_cell.length_b   70.331
_cell.length_c   72.566
_cell.angle_alpha   90.00
_cell.angle_beta   98.79
_cell.angle_gamma   90.00
#
_symmetry.space_group_name_H-M   'C 1 2 1'
#
loop_
_entity.id
_entity.type
_entity.pdbx_description
1 polymer Glutathione-S-transferase
2 non-polymer GLUTATHIONE
3 water water
#
_entity_poly.entity_id   1
_entity_poly.type   'polypeptide(L)'
_entity_poly.pdbx_seq_one_letter_code
;(MSE)SFTTGSTLQHQEAQLQGAKDETVTQLEQRAAGGASHELQSDISK(MSE)KTEDDGSFKRKAASFRNWIQPNGDFT
PEKGRYHLYVSYACPWATRTLIVRKLKGLEDFIGVTVVSPR(MSE)GSNGWPFANVDPFPAADSDPLNNAQHVKDLYLKV
KPDYDGRFTVPVLWDKHTGTIVNNESSEIIR(MSE)FNTAFNHLLPEDKAKLDLYPESLRAKIDEVNDWVYDTVNNGVYK
SGFASTQKAYEAAVIPLFESLDRLEK(MSE)LEGQDYLIGGQLTEADIRLFVTIVRFDPVYVTHFKCNLRTIRDGYPNLH
RW(MSE)RKLYWGNPAFKDTCNFEHIKTHYFWSHTFINPHRIVPIGPIPDILPLDA
;
_entity_poly.pdbx_strand_id   A,B
#
# COMPACT_ATOMS: atom_id res chain seq x y z
N GLU A 38 30.71 -9.88 -1.22
CA GLU A 38 29.54 -10.32 -2.03
C GLU A 38 28.32 -9.39 -1.94
N LEU A 39 28.28 -8.56 -0.90
CA LEU A 39 27.12 -7.69 -0.55
C LEU A 39 26.49 -6.90 -1.70
N GLN A 40 27.32 -6.24 -2.51
CA GLN A 40 26.85 -5.38 -3.62
C GLN A 40 25.85 -6.04 -4.60
N SER A 41 26.12 -7.28 -5.01
CA SER A 41 25.24 -8.04 -5.93
C SER A 41 24.36 -9.04 -5.17
N ASP A 42 24.04 -8.72 -3.92
CA ASP A 42 23.55 -9.68 -2.95
C ASP A 42 22.40 -9.11 -2.11
N ILE A 43 22.72 -8.09 -1.30
CA ILE A 43 21.76 -7.36 -0.50
C ILE A 43 20.92 -6.50 -1.46
N SER A 44 19.59 -6.71 -1.43
CA SER A 44 18.67 -6.04 -2.34
CA SER A 44 18.69 -6.04 -2.37
C SER A 44 18.62 -4.51 -2.18
N LYS A 45 19.36 -4.01 -1.19
CA LYS A 45 19.53 -2.57 -1.03
C LYS A 45 20.46 -2.13 -2.15
N LYS A 47 20.63 -0.25 -6.53
CA LYS A 47 20.66 1.06 -7.21
C LYS A 47 19.89 1.00 -8.52
N THR A 48 19.02 2.00 -8.75
CA THR A 48 18.27 2.13 -10.01
C THR A 48 19.03 2.99 -11.03
N GLU A 49 18.48 3.13 -12.23
CA GLU A 49 18.96 4.10 -13.20
C GLU A 49 18.68 5.49 -12.63
N ASP A 50 19.47 6.50 -13.02
CA ASP A 50 19.35 7.82 -12.39
C ASP A 50 18.07 8.58 -12.78
N ASP A 51 17.48 8.24 -13.92
CA ASP A 51 16.11 8.67 -14.25
C ASP A 51 15.04 8.00 -13.34
N GLY A 52 15.49 7.14 -12.43
CA GLY A 52 14.59 6.45 -11.50
C GLY A 52 14.10 5.06 -11.89
N SER A 53 14.17 4.72 -13.17
CA SER A 53 13.58 3.48 -13.68
C SER A 53 14.39 2.23 -13.27
N PHE A 54 13.69 1.10 -13.21
CA PHE A 54 14.29 -0.18 -12.90
C PHE A 54 14.53 -0.95 -14.19
N LYS A 55 15.79 -1.32 -14.42
CA LYS A 55 16.18 -2.11 -15.61
C LYS A 55 16.64 -3.53 -15.22
N ARG A 56 15.74 -4.51 -15.32
CA ARG A 56 16.08 -5.91 -14.99
C ARG A 56 17.23 -6.48 -15.82
N LYS A 57 18.22 -7.06 -15.15
CA LYS A 57 19.31 -7.74 -15.85
C LYS A 57 18.85 -9.14 -16.30
N ALA A 58 19.14 -9.49 -17.55
CA ALA A 58 18.81 -10.82 -18.07
C ALA A 58 19.52 -11.93 -17.28
N ALA A 59 18.87 -13.08 -17.18
CA ALA A 59 19.47 -14.29 -16.60
C ALA A 59 20.59 -14.82 -17.52
N SER A 60 21.66 -15.36 -16.93
CA SER A 60 22.83 -15.73 -17.75
C SER A 60 23.13 -17.23 -17.93
N PHE A 61 22.31 -18.08 -17.33
CA PHE A 61 22.44 -19.54 -17.51
C PHE A 61 21.29 -20.00 -18.40
N ARG A 62 21.62 -20.25 -19.66
CA ARG A 62 20.61 -20.39 -20.68
C ARG A 62 20.75 -21.66 -21.50
N ASN A 63 21.07 -22.78 -20.86
CA ASN A 63 21.22 -24.06 -21.57
C ASN A 63 19.89 -24.84 -21.57
N TRP A 64 19.81 -25.86 -22.41
CA TRP A 64 18.60 -26.63 -22.59
C TRP A 64 18.80 -28.11 -22.35
N ILE A 65 17.73 -28.77 -21.94
CA ILE A 65 17.73 -30.22 -21.86
C ILE A 65 17.33 -30.78 -23.24
N GLN A 66 18.30 -31.43 -23.89
CA GLN A 66 18.21 -31.88 -25.29
C GLN A 66 18.55 -33.36 -25.36
N PRO A 67 18.09 -34.07 -26.41
CA PRO A 67 18.25 -35.53 -26.49
C PRO A 67 19.70 -36.06 -26.40
N ASN A 68 20.71 -35.29 -26.78
CA ASN A 68 22.08 -35.78 -26.62
CA ASN A 68 22.10 -35.74 -26.72
C ASN A 68 23.06 -34.74 -26.07
N GLY A 69 22.55 -33.57 -25.68
CA GLY A 69 23.43 -32.52 -25.11
C GLY A 69 24.19 -32.81 -23.81
N ASP A 70 24.83 -31.79 -23.25
CA ASP A 70 25.38 -31.89 -21.90
C ASP A 70 24.27 -32.33 -20.90
N PHE A 71 23.03 -32.01 -21.24
CA PHE A 71 21.88 -32.18 -20.37
C PHE A 71 20.80 -32.94 -21.12
N THR A 72 20.75 -34.24 -20.88
CA THR A 72 19.77 -35.13 -21.48
C THR A 72 18.62 -35.32 -20.51
N PRO A 73 17.41 -35.62 -21.04
CA PRO A 73 16.30 -35.83 -20.14
C PRO A 73 16.38 -37.17 -19.44
N GLU A 74 16.42 -37.16 -18.11
CA GLU A 74 16.41 -38.37 -17.28
C GLU A 74 15.58 -38.06 -16.08
N LYS A 75 14.87 -39.08 -15.61
CA LYS A 75 14.25 -39.07 -14.30
C LYS A 75 15.34 -39.00 -13.26
N GLY A 76 15.17 -38.12 -12.27
CA GLY A 76 16.06 -38.15 -11.11
C GLY A 76 17.37 -37.42 -11.29
N ARG A 77 17.54 -36.71 -12.40
CA ARG A 77 18.79 -35.98 -12.64
C ARG A 77 18.72 -34.50 -12.23
N TYR A 78 17.57 -33.87 -12.45
CA TYR A 78 17.48 -32.42 -12.24
C TYR A 78 16.74 -32.02 -10.98
N HIS A 79 17.09 -30.87 -10.45
CA HIS A 79 16.57 -30.35 -9.21
C HIS A 79 16.28 -28.85 -9.40
N LEU A 80 15.28 -28.37 -8.70
CA LEU A 80 14.82 -27.02 -8.86
C LEU A 80 14.92 -26.27 -7.53
N TYR A 81 15.66 -25.17 -7.53
CA TYR A 81 15.75 -24.32 -6.35
C TYR A 81 14.84 -23.11 -6.54
N VAL A 82 13.91 -22.90 -5.61
CA VAL A 82 12.90 -21.86 -5.76
C VAL A 82 12.64 -21.10 -4.46
N SER A 83 11.98 -19.95 -4.57
CA SER A 83 11.19 -19.46 -3.45
C SER A 83 9.76 -19.50 -3.89
N TYR A 84 8.87 -19.78 -2.94
CA TYR A 84 7.42 -19.68 -3.18
C TYR A 84 7.00 -18.22 -3.43
N ALA A 85 7.76 -17.28 -2.86
CA ALA A 85 7.46 -15.86 -3.03
C ALA A 85 7.58 -15.40 -4.50
N CYS A 86 8.53 -15.97 -5.20
CA CYS A 86 8.96 -15.47 -6.48
C CYS A 86 8.00 -15.95 -7.58
N PRO A 87 7.45 -15.00 -8.34
CA PRO A 87 6.49 -15.33 -9.39
C PRO A 87 7.17 -16.05 -10.55
N TRP A 88 8.41 -15.67 -10.86
CA TRP A 88 9.19 -16.33 -11.89
C TRP A 88 9.39 -17.79 -11.50
N ALA A 89 9.92 -18.03 -10.29
CA ALA A 89 10.14 -19.38 -9.82
C ALA A 89 8.82 -20.13 -9.77
N THR A 90 7.75 -19.48 -9.33
CA THR A 90 6.44 -20.14 -9.26
C THR A 90 5.95 -20.67 -10.61
N ARG A 91 6.34 -20.00 -11.71
CA ARG A 91 6.03 -20.48 -13.06
C ARG A 91 6.47 -21.94 -13.21
N THR A 92 7.67 -22.24 -12.71
CA THR A 92 8.29 -23.54 -12.92
C THR A 92 7.61 -24.59 -12.05
N LEU A 93 7.19 -24.18 -10.85
CA LEU A 93 6.48 -25.04 -9.93
C LEU A 93 5.13 -25.45 -10.49
N ILE A 94 4.39 -24.49 -11.05
CA ILE A 94 3.11 -24.77 -11.69
C ILE A 94 3.25 -25.76 -12.87
N VAL A 95 4.18 -25.52 -13.77
CA VAL A 95 4.35 -26.38 -14.94
C VAL A 95 4.83 -27.77 -14.53
N ARG A 96 5.74 -27.82 -13.55
CA ARG A 96 6.18 -29.07 -12.95
C ARG A 96 5.02 -29.96 -12.47
N LYS A 97 4.03 -29.38 -11.79
CA LYS A 97 2.84 -30.18 -11.45
C LYS A 97 1.91 -30.50 -12.63
N LEU A 98 1.69 -29.52 -13.51
CA LEU A 98 0.82 -29.73 -14.68
C LEU A 98 1.29 -30.89 -15.55
N LYS A 99 2.61 -30.98 -15.71
CA LYS A 99 3.21 -31.96 -16.59
C LYS A 99 3.54 -33.28 -15.90
N GLY A 100 3.18 -33.45 -14.63
CA GLY A 100 3.49 -34.69 -13.93
C GLY A 100 4.97 -34.93 -13.70
N LEU A 101 5.74 -33.85 -13.55
CA LEU A 101 7.19 -33.98 -13.36
C LEU A 101 7.62 -34.05 -11.90
N GLU A 102 6.67 -34.15 -10.98
CA GLU A 102 7.03 -34.16 -9.55
C GLU A 102 7.98 -35.30 -9.17
N ASP A 103 7.82 -36.46 -9.80
CA ASP A 103 8.71 -37.62 -9.53
C ASP A 103 10.06 -37.51 -10.27
N PHE A 104 10.15 -36.58 -11.22
CA PHE A 104 11.32 -36.44 -12.05
C PHE A 104 12.34 -35.42 -11.54
N ILE A 105 11.85 -34.32 -11.00
CA ILE A 105 12.66 -33.16 -10.65
C ILE A 105 12.31 -32.81 -9.21
N GLY A 106 13.31 -32.84 -8.34
CA GLY A 106 13.12 -32.44 -6.96
C GLY A 106 13.06 -30.92 -6.80
N VAL A 107 12.55 -30.47 -5.66
CA VAL A 107 12.40 -29.04 -5.39
C VAL A 107 12.92 -28.75 -4.01
N THR A 108 13.69 -27.68 -3.89
CA THR A 108 14.12 -27.15 -2.61
C THR A 108 13.64 -25.70 -2.53
N VAL A 109 12.87 -25.41 -1.47
CA VAL A 109 12.29 -24.08 -1.23
C VAL A 109 13.10 -23.24 -0.24
N VAL A 110 13.57 -22.06 -0.64
CA VAL A 110 14.37 -21.23 0.28
C VAL A 110 13.51 -20.48 1.30
N SER A 111 14.15 -19.89 2.30
CA SER A 111 13.42 -19.00 3.19
C SER A 111 13.07 -17.72 2.43
N PRO A 112 11.87 -17.16 2.68
CA PRO A 112 11.48 -15.95 1.95
C PRO A 112 12.19 -14.69 2.43
N ARG A 113 12.82 -14.74 3.60
CA ARG A 113 13.45 -13.57 4.19
C ARG A 113 14.79 -13.28 3.55
N GLY A 115 17.80 -11.58 3.03
CA GLY A 115 18.65 -10.62 3.74
C GLY A 115 19.85 -10.20 2.95
N SER A 116 20.86 -9.68 3.66
CA SER A 116 22.10 -9.16 3.04
C SER A 116 22.92 -10.22 2.30
N ASN A 117 22.67 -11.49 2.61
CA ASN A 117 23.35 -12.56 1.88
C ASN A 117 22.49 -13.22 0.78
N GLY A 118 21.30 -12.65 0.51
CA GLY A 118 20.42 -13.13 -0.53
C GLY A 118 19.50 -14.16 0.08
N TRP A 119 18.91 -15.02 -0.76
CA TRP A 119 17.98 -16.03 -0.27
C TRP A 119 18.71 -17.04 0.62
N PRO A 120 18.23 -17.26 1.85
CA PRO A 120 18.83 -18.30 2.68
C PRO A 120 18.12 -19.64 2.65
N PHE A 121 18.85 -20.71 2.95
CA PHE A 121 18.21 -22.01 3.17
C PHE A 121 17.72 -22.10 4.59
N ALA A 122 16.82 -23.05 4.86
CA ALA A 122 16.16 -23.12 6.16
C ALA A 122 17.07 -23.33 7.36
N ASN A 123 18.25 -23.92 7.17
CA ASN A 123 19.15 -24.08 8.31
C ASN A 123 19.80 -22.76 8.69
N VAL A 124 19.88 -21.82 7.76
CA VAL A 124 20.36 -20.48 8.07
C VAL A 124 19.19 -19.63 8.61
N ASP A 125 18.01 -19.80 8.02
CA ASP A 125 16.86 -19.02 8.41
C ASP A 125 15.61 -19.87 8.38
N PRO A 126 15.25 -20.48 9.53
CA PRO A 126 14.07 -21.34 9.56
C PRO A 126 12.79 -20.56 9.28
N PHE A 127 11.94 -21.15 8.45
CA PHE A 127 10.66 -20.57 8.10
C PHE A 127 9.82 -21.77 7.70
N PRO A 128 8.54 -21.78 8.12
CA PRO A 128 7.65 -22.90 7.77
C PRO A 128 7.61 -23.12 6.26
N ALA A 129 7.64 -24.40 5.86
CA ALA A 129 7.69 -24.86 4.47
C ALA A 129 8.97 -24.49 3.71
N ALA A 130 9.97 -23.94 4.39
CA ALA A 130 11.27 -23.70 3.76
C ALA A 130 12.19 -24.89 4.03
N ASP A 131 13.13 -25.15 3.13
CA ASP A 131 14.00 -26.32 3.18
C ASP A 131 15.45 -25.94 3.34
N SER A 132 16.25 -26.83 3.92
CA SER A 132 17.69 -26.73 3.73
C SER A 132 18.06 -27.40 2.40
N ASP A 133 19.26 -27.09 1.90
CA ASP A 133 19.79 -27.65 0.65
C ASP A 133 20.19 -29.11 0.85
N PRO A 134 19.46 -30.04 0.19
CA PRO A 134 19.75 -31.48 0.32
C PRO A 134 20.92 -31.95 -0.56
N LEU A 135 21.53 -31.05 -1.32
CA LEU A 135 22.51 -31.46 -2.32
C LEU A 135 23.91 -30.92 -2.12
N ASN A 136 24.05 -29.61 -1.93
CA ASN A 136 25.36 -28.98 -1.99
C ASN A 136 25.77 -28.33 -0.68
N ASN A 137 24.99 -28.62 0.37
CA ASN A 137 25.09 -27.95 1.67
C ASN A 137 25.22 -26.41 1.56
N ALA A 138 24.44 -25.79 0.67
CA ALA A 138 24.49 -24.32 0.53
C ALA A 138 23.84 -23.60 1.71
N GLN A 139 24.42 -22.44 2.05
CA GLN A 139 23.88 -21.53 3.08
C GLN A 139 22.84 -20.61 2.43
N HIS A 140 23.24 -20.07 1.28
CA HIS A 140 22.44 -19.15 0.52
C HIS A 140 22.47 -19.57 -0.93
N VAL A 141 21.50 -19.10 -1.69
CA VAL A 141 21.44 -19.39 -3.09
C VAL A 141 22.75 -18.98 -3.76
N LYS A 142 23.37 -17.89 -3.31
CA LYS A 142 24.64 -17.44 -3.93
C LYS A 142 25.72 -18.51 -3.98
N ASP A 143 25.76 -19.38 -2.97
CA ASP A 143 26.74 -20.45 -2.93
C ASP A 143 26.59 -21.41 -4.13
N LEU A 144 25.35 -21.63 -4.57
CA LEU A 144 25.13 -22.37 -5.82
C LEU A 144 25.81 -21.72 -7.00
N TYR A 145 25.69 -20.40 -7.11
CA TYR A 145 26.25 -19.67 -8.24
C TYR A 145 27.77 -19.62 -8.19
N LEU A 146 28.31 -19.40 -6.98
CA LEU A 146 29.75 -19.19 -6.78
C LEU A 146 30.54 -20.48 -6.84
N LYS A 147 29.86 -21.60 -6.66
CA LYS A 147 30.46 -22.92 -6.82
C LYS A 147 30.72 -23.22 -8.31
N VAL A 148 29.84 -22.76 -9.19
CA VAL A 148 29.95 -23.09 -10.61
C VAL A 148 30.71 -22.01 -11.38
N LYS A 149 30.62 -20.77 -10.91
CA LYS A 149 31.32 -19.66 -11.54
C LYS A 149 31.73 -18.66 -10.47
N PRO A 150 32.90 -18.87 -9.83
CA PRO A 150 33.37 -18.03 -8.72
C PRO A 150 33.55 -16.55 -9.08
N ASP A 151 33.52 -16.22 -10.36
CA ASP A 151 33.67 -14.83 -10.81
C ASP A 151 32.33 -14.26 -11.29
N TYR A 152 31.25 -14.94 -10.94
CA TYR A 152 29.90 -14.51 -11.32
C TYR A 152 29.57 -13.14 -10.74
N ASP A 153 29.08 -12.26 -11.60
CA ASP A 153 28.85 -10.87 -11.22
C ASP A 153 27.36 -10.49 -11.23
N GLY A 154 26.51 -11.38 -11.72
CA GLY A 154 25.07 -11.12 -11.77
C GLY A 154 24.37 -11.24 -10.42
N ARG A 155 23.05 -11.33 -10.47
CA ARG A 155 22.26 -11.48 -9.26
C ARG A 155 22.03 -12.97 -8.99
N PHE A 156 21.85 -13.31 -7.72
CA PHE A 156 21.70 -14.71 -7.34
C PHE A 156 20.24 -15.09 -7.26
N THR A 157 19.63 -15.23 -8.43
CA THR A 157 18.18 -15.37 -8.54
C THR A 157 17.69 -16.82 -8.45
N VAL A 158 16.46 -16.98 -7.97
CA VAL A 158 15.66 -18.17 -8.23
C VAL A 158 14.72 -17.81 -9.40
N PRO A 159 14.31 -18.82 -10.20
CA PRO A 159 14.62 -20.24 -10.03
C PRO A 159 16.02 -20.65 -10.52
N VAL A 160 16.56 -21.71 -9.94
CA VAL A 160 17.77 -22.35 -10.47
C VAL A 160 17.43 -23.80 -10.82
N LEU A 161 17.63 -24.18 -12.08
CA LEU A 161 17.46 -25.57 -12.49
C LEU A 161 18.85 -26.16 -12.45
N TRP A 162 19.01 -27.12 -11.57
CA TRP A 162 20.31 -27.66 -11.25
C TRP A 162 20.44 -29.08 -11.81
N ASP A 163 21.63 -29.40 -12.29
CA ASP A 163 21.95 -30.76 -12.75
C ASP A 163 22.76 -31.50 -11.70
N LYS A 164 22.15 -32.54 -11.12
CA LYS A 164 22.81 -33.33 -10.07
C LYS A 164 23.99 -34.14 -10.57
N HIS A 165 23.98 -34.55 -11.84
CA HIS A 165 25.08 -35.37 -12.38
C HIS A 165 26.37 -34.55 -12.52
N THR A 166 26.30 -33.40 -13.16
CA THR A 166 27.51 -32.57 -13.31
C THR A 166 27.71 -31.49 -12.23
N GLY A 167 26.67 -31.22 -11.45
CA GLY A 167 26.79 -30.24 -10.38
C GLY A 167 26.98 -28.83 -10.90
N THR A 168 26.22 -28.46 -11.93
CA THR A 168 26.20 -27.10 -12.42
C THR A 168 24.75 -26.63 -12.64
N ILE A 169 24.62 -25.36 -12.99
CA ILE A 169 23.32 -24.80 -13.30
C ILE A 169 23.06 -24.95 -14.78
N VAL A 170 21.94 -25.57 -15.12
CA VAL A 170 21.50 -25.73 -16.50
C VAL A 170 20.92 -24.43 -17.02
N ASN A 171 19.98 -23.87 -16.25
CA ASN A 171 19.19 -22.75 -16.73
C ASN A 171 18.58 -22.00 -15.54
N ASN A 172 18.59 -20.68 -15.58
CA ASN A 172 17.99 -19.86 -14.54
C ASN A 172 17.04 -18.81 -15.11
N GLU A 173 16.45 -19.14 -16.26
CA GLU A 173 15.40 -18.32 -16.89
C GLU A 173 14.06 -19.05 -16.90
N SER A 174 13.14 -18.57 -16.07
CA SER A 174 11.83 -19.21 -15.88
C SER A 174 11.12 -19.47 -17.21
N SER A 175 11.21 -18.50 -18.13
CA SER A 175 10.56 -18.62 -19.42
C SER A 175 11.06 -19.84 -20.20
N GLU A 176 12.35 -20.16 -20.07
CA GLU A 176 12.91 -21.31 -20.77
C GLU A 176 12.74 -22.63 -20.01
N ILE A 177 12.86 -22.60 -18.69
CA ILE A 177 12.54 -23.74 -17.84
C ILE A 177 11.12 -24.25 -18.14
N ILE A 178 10.12 -23.39 -18.14
CA ILE A 178 8.77 -23.88 -18.41
C ILE A 178 8.60 -24.45 -19.83
N ARG A 179 9.32 -23.88 -20.81
CA ARG A 179 9.30 -24.41 -22.17
C ARG A 179 9.84 -25.82 -22.20
N PHE A 181 10.25 -27.92 -19.76
CA PHE A 181 9.37 -28.78 -18.96
C PHE A 181 8.19 -29.26 -19.78
N ASN A 182 7.72 -28.39 -20.68
CA ASN A 182 6.56 -28.67 -21.50
C ASN A 182 6.75 -29.82 -22.51
N THR A 183 7.98 -29.99 -23.01
CA THR A 183 8.25 -30.97 -24.08
C THR A 183 9.41 -31.96 -23.83
N ALA A 184 10.49 -31.51 -23.18
CA ALA A 184 11.72 -32.30 -23.14
C ALA A 184 11.61 -33.67 -22.43
N PHE A 185 10.57 -33.87 -21.62
CA PHE A 185 10.41 -35.12 -20.88
C PHE A 185 9.25 -35.93 -21.45
N ASN A 186 8.70 -35.49 -22.57
CA ASN A 186 7.46 -36.11 -23.06
C ASN A 186 7.50 -37.61 -23.31
N HIS A 187 8.63 -38.09 -23.85
CA HIS A 187 8.80 -39.53 -24.14
C HIS A 187 8.89 -40.39 -22.86
N LEU A 188 9.10 -39.73 -21.71
CA LEU A 188 9.24 -40.40 -20.42
C LEU A 188 7.95 -40.44 -19.58
N LEU A 189 6.97 -39.62 -19.95
CA LEU A 189 5.75 -39.42 -19.18
C LEU A 189 4.61 -40.36 -19.59
N PRO A 190 3.63 -40.56 -18.67
CA PRO A 190 2.39 -41.24 -19.07
C PRO A 190 1.70 -40.40 -20.11
N GLU A 191 0.86 -41.05 -20.90
CA GLU A 191 0.11 -40.43 -22.00
C GLU A 191 -0.61 -39.12 -21.61
N ASP A 192 -1.31 -39.13 -20.48
CA ASP A 192 -2.10 -37.97 -20.05
C ASP A 192 -1.21 -36.75 -19.83
N LYS A 193 -0.05 -36.98 -19.22
CA LYS A 193 0.89 -35.89 -18.97
C LYS A 193 1.69 -35.50 -20.21
N ALA A 194 2.03 -36.50 -21.03
CA ALA A 194 2.82 -36.27 -22.23
C ALA A 194 2.06 -35.44 -23.25
N LYS A 195 0.75 -35.62 -23.27
CA LYS A 195 -0.09 -34.97 -24.27
C LYS A 195 -0.41 -33.51 -23.97
N LEU A 196 -0.36 -33.13 -22.68
CA LEU A 196 -0.57 -31.75 -22.27
C LEU A 196 0.44 -30.82 -22.92
N ASP A 197 -0.05 -29.78 -23.58
CA ASP A 197 0.82 -28.93 -24.37
C ASP A 197 0.45 -27.48 -24.09
N LEU A 198 1.26 -26.81 -23.27
CA LEU A 198 1.01 -25.41 -22.89
C LEU A 198 1.48 -24.44 -23.97
N TYR A 199 1.92 -24.97 -25.10
CA TYR A 199 2.50 -24.14 -26.15
C TYR A 199 2.22 -24.78 -27.54
N PRO A 200 0.95 -25.06 -27.86
CA PRO A 200 0.67 -25.85 -29.06
C PRO A 200 0.88 -25.06 -30.34
N GLU A 201 1.09 -25.80 -31.42
CA GLU A 201 1.55 -25.25 -32.68
C GLU A 201 0.69 -24.07 -33.12
N SER A 202 -0.62 -24.30 -33.20
CA SER A 202 -1.56 -23.31 -33.73
C SER A 202 -1.65 -22.03 -32.91
N LEU A 203 -1.31 -22.11 -31.61
CA LEU A 203 -1.41 -20.96 -30.72
C LEU A 203 -0.09 -20.23 -30.43
N ARG A 204 1.01 -20.75 -30.98
CA ARG A 204 2.34 -20.23 -30.62
C ARG A 204 2.58 -18.76 -30.90
N ALA A 205 2.13 -18.29 -32.06
CA ALA A 205 2.42 -16.90 -32.47
C ALA A 205 1.71 -15.91 -31.56
N LYS A 206 0.47 -16.23 -31.20
CA LYS A 206 -0.34 -15.42 -30.31
C LYS A 206 0.20 -15.48 -28.88
N ILE A 207 0.52 -16.69 -28.40
CA ILE A 207 1.16 -16.83 -27.10
C ILE A 207 2.38 -15.92 -27.02
N ASP A 208 3.23 -15.95 -28.04
CA ASP A 208 4.43 -15.15 -28.07
C ASP A 208 4.15 -13.64 -28.05
N GLU A 209 3.08 -13.23 -28.74
CA GLU A 209 2.71 -11.82 -28.82
C GLU A 209 2.21 -11.34 -27.46
N VAL A 210 1.24 -12.07 -26.90
CA VAL A 210 0.69 -11.79 -25.58
C VAL A 210 1.79 -11.84 -24.51
N ASN A 211 2.55 -12.92 -24.46
CA ASN A 211 3.68 -13.04 -23.52
C ASN A 211 4.59 -11.81 -23.55
N ASP A 212 4.86 -11.28 -24.74
CA ASP A 212 5.80 -10.17 -24.86
C ASP A 212 5.39 -8.89 -24.10
N TRP A 213 4.13 -8.49 -24.24
CA TRP A 213 3.69 -7.22 -23.62
C TRP A 213 3.14 -7.43 -22.19
N VAL A 214 2.62 -8.63 -21.92
CA VAL A 214 2.39 -9.04 -20.55
C VAL A 214 3.69 -9.08 -19.74
N TYR A 215 4.76 -9.61 -20.30
CA TYR A 215 6.01 -9.56 -19.58
C TYR A 215 6.39 -8.10 -19.30
N ASP A 216 6.50 -7.30 -20.36
CA ASP A 216 7.01 -5.92 -20.29
C ASP A 216 6.18 -5.01 -19.36
N THR A 217 4.84 -5.07 -19.50
CA THR A 217 4.00 -4.09 -18.85
C THR A 217 3.29 -4.59 -17.59
N VAL A 218 3.18 -5.92 -17.44
CA VAL A 218 2.52 -6.51 -16.28
C VAL A 218 3.52 -7.27 -15.35
N ASN A 219 4.02 -8.44 -15.81
CA ASN A 219 4.95 -9.27 -15.03
C ASN A 219 6.10 -8.46 -14.47
N ASN A 220 6.82 -7.79 -15.36
CA ASN A 220 7.88 -6.92 -14.93
C ASN A 220 7.43 -5.47 -14.71
N GLY A 221 6.23 -5.14 -15.19
CA GLY A 221 5.59 -3.83 -14.93
C GLY A 221 5.38 -3.49 -13.47
N VAL A 222 4.89 -4.44 -12.68
CA VAL A 222 4.70 -4.18 -11.26
C VAL A 222 6.03 -3.83 -10.58
N TYR A 223 7.10 -4.51 -10.97
CA TYR A 223 8.44 -4.24 -10.44
C TYR A 223 8.94 -2.88 -10.88
N LYS A 224 8.78 -2.58 -12.17
CA LYS A 224 9.11 -1.23 -12.66
C LYS A 224 8.36 -0.13 -11.87
N SER A 225 7.08 -0.34 -11.60
CA SER A 225 6.32 0.58 -10.74
C SER A 225 6.91 0.62 -9.33
N GLY A 226 7.06 -0.56 -8.73
CA GLY A 226 7.41 -0.69 -7.32
C GLY A 226 8.79 -0.21 -6.94
N PHE A 227 9.75 -0.46 -7.84
CA PHE A 227 11.18 -0.21 -7.62
C PHE A 227 11.60 1.18 -8.13
N ALA A 228 10.73 1.86 -8.86
CA ALA A 228 11.03 3.21 -9.37
C ALA A 228 11.36 4.12 -8.22
N SER A 229 12.36 4.98 -8.40
CA SER A 229 12.84 5.84 -7.31
C SER A 229 12.55 7.33 -7.52
N THR A 230 11.87 7.68 -8.60
CA THR A 230 11.35 9.03 -8.79
C THR A 230 9.87 8.93 -9.13
N GLN A 231 9.14 10.00 -8.85
CA GLN A 231 7.73 10.09 -9.21
C GLN A 231 7.48 9.79 -10.69
N LYS A 232 8.29 10.39 -11.56
CA LYS A 232 8.14 10.27 -13.00
C LYS A 232 8.23 8.81 -13.46
N ALA A 233 9.31 8.16 -13.04
CA ALA A 233 9.58 6.78 -13.40
C ALA A 233 8.47 5.87 -12.90
N TYR A 234 7.95 6.16 -11.70
CA TYR A 234 6.83 5.39 -11.18
C TYR A 234 5.60 5.47 -12.08
N GLU A 235 5.28 6.67 -12.52
CA GLU A 235 4.08 6.91 -13.33
C GLU A 235 4.17 6.30 -14.72
N ALA A 236 5.40 6.30 -15.25
CA ALA A 236 5.70 5.79 -16.60
C ALA A 236 5.50 4.29 -16.64
N ALA A 237 5.65 3.64 -15.49
CA ALA A 237 5.48 2.19 -15.39
C ALA A 237 4.10 1.76 -14.91
N VAL A 238 3.49 2.52 -13.98
CA VAL A 238 2.23 2.08 -13.37
C VAL A 238 1.07 2.30 -14.31
N ILE A 239 1.11 3.38 -15.10
CA ILE A 239 0.03 3.65 -16.07
C ILE A 239 -0.10 2.55 -17.15
N PRO A 240 1.00 2.22 -17.85
CA PRO A 240 0.93 1.09 -18.83
C PRO A 240 0.54 -0.23 -18.18
N LEU A 241 1.00 -0.45 -16.94
CA LEU A 241 0.56 -1.62 -16.20
C LEU A 241 -0.95 -1.72 -16.23
N PHE A 242 -1.64 -0.67 -15.80
CA PHE A 242 -3.11 -0.72 -15.73
C PHE A 242 -3.82 -0.66 -17.06
N GLU A 243 -3.21 -0.01 -18.04
CA GLU A 243 -3.67 -0.11 -19.44
C GLU A 243 -3.67 -1.58 -19.92
N SER A 244 -2.60 -2.30 -19.59
CA SER A 244 -2.51 -3.72 -19.98
C SER A 244 -3.48 -4.60 -19.22
N LEU A 245 -3.79 -4.24 -17.97
CA LEU A 245 -4.81 -5.00 -17.26
C LEU A 245 -6.20 -4.81 -17.89
N ASP A 246 -6.44 -3.59 -18.38
CA ASP A 246 -7.70 -3.24 -19.03
C ASP A 246 -7.80 -4.11 -20.29
N ARG A 247 -6.73 -4.10 -21.07
CA ARG A 247 -6.62 -4.95 -22.25
C ARG A 247 -6.86 -6.42 -21.91
N LEU A 248 -6.21 -6.92 -20.86
CA LEU A 248 -6.39 -8.30 -20.42
C LEU A 248 -7.82 -8.59 -19.97
N GLU A 249 -8.40 -7.62 -19.29
CA GLU A 249 -9.78 -7.69 -18.82
C GLU A 249 -10.76 -7.90 -19.98
N LYS A 250 -10.48 -7.23 -21.11
CA LYS A 250 -11.31 -7.35 -22.33
C LYS A 250 -11.16 -8.73 -22.98
N LEU A 252 -10.52 -11.42 -21.69
CA LEU A 252 -11.10 -12.46 -20.86
C LEU A 252 -12.61 -12.39 -20.75
N GLU A 253 -13.23 -11.47 -21.48
CA GLU A 253 -14.69 -11.36 -21.52
C GLU A 253 -15.24 -12.61 -22.23
N GLY A 254 -16.05 -13.37 -21.50
CA GLY A 254 -16.65 -14.61 -21.99
C GLY A 254 -15.72 -15.81 -21.91
N GLN A 255 -14.43 -15.54 -21.69
CA GLN A 255 -13.37 -16.55 -21.79
C GLN A 255 -12.85 -17.04 -20.45
N ASP A 256 -12.49 -18.32 -20.42
CA ASP A 256 -11.84 -18.95 -19.27
C ASP A 256 -10.31 -19.01 -19.36
N TYR A 257 -9.77 -18.67 -20.53
CA TYR A 257 -8.32 -18.71 -20.79
C TYR A 257 -7.94 -17.54 -21.68
N LEU A 258 -6.72 -17.04 -21.55
CA LEU A 258 -6.31 -15.91 -22.36
C LEU A 258 -6.37 -16.13 -23.87
N ILE A 259 -6.15 -17.38 -24.30
CA ILE A 259 -5.88 -17.65 -25.70
C ILE A 259 -6.36 -19.03 -26.07
N GLY A 260 -7.14 -19.09 -27.14
CA GLY A 260 -7.49 -20.34 -27.80
C GLY A 260 -8.43 -21.22 -27.02
N GLY A 261 -9.00 -20.68 -25.95
CA GLY A 261 -9.99 -21.40 -25.17
C GLY A 261 -9.41 -22.58 -24.42
N GLN A 262 -8.08 -22.57 -24.27
CA GLN A 262 -7.39 -23.60 -23.47
C GLN A 262 -6.24 -23.04 -22.64
N LEU A 263 -5.86 -23.79 -21.61
CA LEU A 263 -4.73 -23.46 -20.75
C LEU A 263 -3.44 -23.46 -21.55
N THR A 264 -2.72 -22.34 -21.51
CA THR A 264 -1.43 -22.25 -22.16
C THR A 264 -0.45 -21.60 -21.21
N GLU A 265 0.81 -21.50 -21.62
CA GLU A 265 1.79 -20.87 -20.77
C GLU A 265 1.50 -19.38 -20.55
N ALA A 266 0.63 -18.82 -21.38
CA ALA A 266 0.27 -17.40 -21.27
C ALA A 266 -0.51 -17.14 -19.98
N ASP A 267 -1.46 -18.02 -19.67
CA ASP A 267 -2.17 -17.99 -18.40
C ASP A 267 -1.22 -18.13 -17.20
N ILE A 268 -0.33 -19.13 -17.29
CA ILE A 268 0.55 -19.44 -16.17
C ILE A 268 1.42 -18.22 -15.90
N ARG A 269 2.03 -17.70 -16.95
CA ARG A 269 2.88 -16.52 -16.78
C ARG A 269 2.10 -15.33 -16.22
N LEU A 270 0.83 -15.19 -16.61
CA LEU A 270 0.01 -14.09 -16.13
C LEU A 270 -0.42 -14.30 -14.70
N PHE A 271 -0.89 -15.52 -14.40
CA PHE A 271 -1.42 -15.86 -13.10
C PHE A 271 -0.49 -15.53 -11.95
N VAL A 272 0.81 -15.78 -12.09
CA VAL A 272 1.75 -15.59 -10.98
C VAL A 272 1.82 -14.12 -10.54
N THR A 273 1.54 -13.19 -11.46
CA THR A 273 1.55 -11.75 -11.16
C THR A 273 0.21 -11.39 -10.54
N ILE A 274 -0.87 -11.81 -11.19
CA ILE A 274 -2.22 -11.47 -10.73
C ILE A 274 -2.51 -11.98 -9.33
N VAL A 275 -2.13 -13.22 -9.04
CA VAL A 275 -2.44 -13.79 -7.74
C VAL A 275 -1.63 -13.06 -6.63
N ARG A 276 -0.52 -12.43 -7.00
CA ARG A 276 0.25 -11.65 -6.06
C ARG A 276 -0.24 -10.20 -5.98
N PHE A 277 -1.25 -9.83 -6.78
CA PHE A 277 -1.53 -8.39 -7.00
C PHE A 277 -2.16 -7.73 -5.76
N ASP A 278 -3.29 -8.29 -5.29
CA ASP A 278 -3.99 -7.69 -4.17
C ASP A 278 -3.17 -7.88 -2.88
N PRO A 279 -2.56 -9.06 -2.68
CA PRO A 279 -1.87 -9.27 -1.41
C PRO A 279 -0.57 -8.52 -1.33
N VAL A 280 0.05 -8.21 -2.47
CA VAL A 280 1.34 -7.52 -2.43
C VAL A 280 1.40 -6.24 -3.27
N TYR A 281 1.12 -6.34 -4.56
CA TYR A 281 1.54 -5.30 -5.48
C TYR A 281 0.84 -3.96 -5.26
N VAL A 282 -0.45 -4.04 -4.90
CA VAL A 282 -1.26 -2.86 -4.63
C VAL A 282 -0.57 -1.91 -3.63
N THR A 283 -0.18 -2.41 -2.46
CA THR A 283 0.45 -1.57 -1.46
C THR A 283 1.96 -1.54 -1.60
N HIS A 284 2.59 -2.71 -1.78
CA HIS A 284 4.06 -2.75 -1.77
C HIS A 284 4.63 -2.05 -2.99
N PHE A 285 4.03 -2.29 -4.16
CA PHE A 285 4.55 -1.70 -5.38
C PHE A 285 3.76 -0.49 -5.88
N LYS A 286 2.80 0.00 -5.07
CA LYS A 286 1.98 1.18 -5.41
C LYS A 286 1.19 0.99 -6.70
N CYS A 287 0.87 -0.26 -6.98
CA CYS A 287 0.01 -0.60 -8.11
C CYS A 287 -1.43 -0.56 -7.65
N ASN A 288 -1.86 0.63 -7.21
CA ASN A 288 -3.17 0.76 -6.55
C ASN A 288 -4.26 1.58 -7.24
N LEU A 289 -4.12 1.80 -8.54
CA LEU A 289 -5.20 2.46 -9.27
C LEU A 289 -6.54 1.83 -8.94
N ARG A 290 -6.58 0.50 -8.99
CA ARG A 290 -7.69 -0.31 -8.52
C ARG A 290 -7.10 -1.69 -8.22
N THR A 291 -7.91 -2.54 -7.60
CA THR A 291 -7.47 -3.88 -7.22
C THR A 291 -8.05 -4.89 -8.19
N ILE A 292 -7.58 -6.14 -8.12
CA ILE A 292 -8.16 -7.21 -8.94
C ILE A 292 -9.54 -7.61 -8.41
N ARG A 293 -9.65 -7.89 -7.11
CA ARG A 293 -10.91 -8.35 -6.53
C ARG A 293 -12.05 -7.33 -6.70
N ASP A 294 -11.70 -6.06 -6.76
CA ASP A 294 -12.73 -5.03 -6.81
C ASP A 294 -12.74 -4.23 -8.10
N GLY A 295 -11.65 -4.26 -8.86
CA GLY A 295 -11.60 -3.46 -10.09
C GLY A 295 -11.62 -4.21 -11.41
N TYR A 296 -11.36 -5.53 -11.38
CA TYR A 296 -11.26 -6.33 -12.63
C TYR A 296 -12.01 -7.64 -12.51
N PRO A 297 -13.31 -7.62 -12.84
CA PRO A 297 -14.15 -8.80 -12.65
C PRO A 297 -13.71 -10.02 -13.45
N ASN A 298 -13.24 -9.83 -14.69
CA ASN A 298 -12.82 -10.98 -15.54
C ASN A 298 -11.52 -11.60 -15.07
N LEU A 299 -10.52 -10.75 -14.77
CA LEU A 299 -9.27 -11.23 -14.19
C LEU A 299 -9.56 -11.92 -12.87
N HIS A 300 -10.41 -11.29 -12.06
CA HIS A 300 -10.73 -11.82 -10.75
C HIS A 300 -11.31 -13.21 -10.90
N ARG A 301 -12.25 -13.37 -11.84
CA ARG A 301 -12.88 -14.66 -12.11
C ARG A 301 -11.86 -15.66 -12.69
N TRP A 302 -11.17 -15.26 -13.74
CA TRP A 302 -10.14 -16.09 -14.37
C TRP A 302 -9.14 -16.65 -13.33
N ARG A 304 -9.42 -16.87 -9.81
CA ARG A 304 -10.02 -17.72 -8.79
C ARG A 304 -10.29 -19.13 -9.35
N LYS A 305 -10.65 -19.21 -10.62
CA LYS A 305 -10.94 -20.50 -11.25
C LYS A 305 -9.71 -21.37 -11.36
N LEU A 306 -8.62 -20.81 -11.89
CA LEU A 306 -7.32 -21.48 -11.91
C LEU A 306 -6.89 -21.92 -10.51
N TYR A 307 -6.91 -20.98 -9.57
CA TYR A 307 -6.47 -21.23 -8.22
C TYR A 307 -7.31 -22.31 -7.56
N TRP A 308 -8.62 -22.09 -7.50
CA TRP A 308 -9.52 -23.06 -6.87
C TRP A 308 -9.72 -24.34 -7.66
N GLY A 309 -9.71 -24.26 -8.99
CA GLY A 309 -10.09 -25.40 -9.84
C GLY A 309 -8.95 -26.30 -10.33
N ASN A 310 -7.71 -25.91 -10.04
CA ASN A 310 -6.51 -26.63 -10.52
C ASN A 310 -5.41 -26.64 -9.46
N PRO A 311 -5.15 -27.82 -8.90
CA PRO A 311 -4.20 -28.00 -7.81
C PRO A 311 -2.77 -27.56 -8.13
N ALA A 312 -2.40 -27.51 -9.40
CA ALA A 312 -1.06 -27.02 -9.75
C ALA A 312 -0.90 -25.54 -9.37
N PHE A 313 -1.99 -24.79 -9.46
CA PHE A 313 -2.02 -23.35 -9.13
C PHE A 313 -2.18 -23.11 -7.64
N LYS A 314 -2.99 -23.91 -6.97
CA LYS A 314 -3.24 -23.73 -5.55
C LYS A 314 -2.13 -24.28 -4.65
N ASP A 315 -1.60 -25.44 -4.98
CA ASP A 315 -0.65 -26.13 -4.12
C ASP A 315 0.76 -25.53 -4.21
N THR A 316 0.97 -24.65 -5.20
CA THR A 316 2.25 -23.98 -5.36
C THR A 316 2.17 -22.52 -4.91
N CYS A 317 1.06 -22.15 -4.29
CA CYS A 317 0.83 -20.76 -3.92
C CYS A 317 0.93 -20.67 -2.42
N ASN A 318 2.00 -20.09 -1.92
CA ASN A 318 2.13 -19.93 -0.47
C ASN A 318 2.09 -18.43 -0.17
N PHE A 319 0.94 -17.96 0.31
CA PHE A 319 0.78 -16.53 0.63
C PHE A 319 1.64 -16.01 1.75
N GLU A 320 1.90 -16.84 2.77
CA GLU A 320 2.78 -16.38 3.85
C GLU A 320 4.18 -16.05 3.32
N HIS A 321 4.71 -16.95 2.47
CA HIS A 321 6.00 -16.76 1.84
C HIS A 321 5.94 -15.54 0.93
N ILE A 322 4.84 -15.40 0.20
CA ILE A 322 4.68 -14.30 -0.76
C ILE A 322 4.79 -12.93 -0.07
N LYS A 323 3.99 -12.73 0.97
CA LYS A 323 3.93 -11.45 1.67
C LYS A 323 5.16 -11.22 2.51
N THR A 324 5.63 -12.22 3.24
CA THR A 324 6.82 -12.07 4.03
C THR A 324 7.98 -11.65 3.14
N HIS A 325 8.14 -12.33 2.00
CA HIS A 325 9.30 -12.04 1.17
C HIS A 325 9.42 -10.57 0.79
N TYR A 326 8.38 -10.06 0.11
CA TYR A 326 8.38 -8.74 -0.48
C TYR A 326 8.46 -7.67 0.59
N PHE A 327 7.59 -7.77 1.59
CA PHE A 327 7.53 -6.73 2.63
C PHE A 327 8.72 -6.69 3.53
N TRP A 328 9.23 -7.87 3.92
CA TRP A 328 10.36 -7.98 4.85
C TRP A 328 11.67 -7.67 4.16
N SER A 329 11.76 -8.04 2.88
CA SER A 329 13.02 -7.99 2.16
C SER A 329 13.36 -6.61 1.55
N HIS A 330 12.37 -5.88 1.04
CA HIS A 330 12.68 -4.66 0.27
C HIS A 330 12.64 -3.45 1.18
N THR A 331 13.67 -3.32 1.99
CA THR A 331 13.79 -2.24 2.98
C THR A 331 13.90 -0.86 2.32
N PHE A 332 14.36 -0.80 1.08
CA PHE A 332 14.41 0.45 0.31
C PHE A 332 12.99 0.97 -0.02
N ILE A 333 12.00 0.10 0.06
CA ILE A 333 10.59 0.47 -0.08
C ILE A 333 9.94 0.53 1.28
N ASN A 334 10.30 -0.40 2.16
CA ASN A 334 9.57 -0.67 3.39
C ASN A 334 10.54 -0.79 4.58
N PRO A 335 11.03 0.36 5.12
CA PRO A 335 12.19 0.36 6.05
C PRO A 335 12.04 -0.50 7.29
N HIS A 336 10.84 -0.56 7.87
CA HIS A 336 10.65 -1.32 9.11
C HIS A 336 10.25 -2.78 8.91
N ARG A 337 10.20 -3.20 7.64
CA ARG A 337 9.98 -4.59 7.27
C ARG A 337 8.59 -5.11 7.64
N ILE A 338 7.66 -4.20 7.91
CA ILE A 338 6.34 -4.56 8.38
C ILE A 338 5.56 -5.23 7.26
N VAL A 339 4.91 -6.34 7.59
CA VAL A 339 4.06 -7.08 6.68
C VAL A 339 2.59 -6.80 7.02
N PRO A 340 1.88 -6.05 6.15
CA PRO A 340 0.48 -5.69 6.37
C PRO A 340 -0.42 -6.91 6.57
N ILE A 341 -1.40 -6.79 7.45
CA ILE A 341 -2.32 -7.91 7.68
C ILE A 341 -3.24 -8.11 6.49
N GLY A 342 -3.57 -7.03 5.80
CA GLY A 342 -4.49 -7.08 4.70
C GLY A 342 -3.86 -7.23 3.33
N PRO A 343 -4.69 -7.44 2.30
CA PRO A 343 -6.14 -7.53 2.49
C PRO A 343 -6.60 -8.90 2.94
N ILE A 344 -7.76 -8.94 3.58
CA ILE A 344 -8.38 -10.18 4.02
C ILE A 344 -9.55 -10.55 3.10
N PRO A 345 -9.58 -11.79 2.57
CA PRO A 345 -8.54 -12.81 2.63
C PRO A 345 -7.49 -12.61 1.52
N ASP A 346 -6.52 -13.51 1.42
CA ASP A 346 -5.49 -13.41 0.39
C ASP A 346 -6.08 -13.59 -1.00
N ILE A 347 -7.07 -14.46 -1.08
CA ILE A 347 -7.81 -14.69 -2.31
C ILE A 347 -9.21 -15.11 -1.94
N LEU A 348 -10.20 -14.50 -2.60
CA LEU A 348 -11.60 -14.80 -2.29
C LEU A 348 -12.04 -16.15 -2.88
N PRO A 349 -13.00 -16.81 -2.22
CA PRO A 349 -13.63 -18.04 -2.73
C PRO A 349 -14.30 -17.79 -4.09
N LEU A 350 -14.46 -18.87 -4.86
CA LEU A 350 -15.26 -18.84 -6.07
C LEU A 350 -16.69 -18.45 -5.73
N ASP A 351 -17.39 -17.86 -6.71
CA ASP A 351 -18.83 -17.58 -6.57
C ASP A 351 -19.67 -18.81 -6.93
N PHE B 54 3.83 3.77 19.09
CA PHE B 54 3.68 5.25 18.98
C PHE B 54 2.83 5.87 20.12
N LYS B 55 3.33 6.98 20.68
CA LYS B 55 2.61 7.75 21.70
C LYS B 55 2.53 9.24 21.34
N ARG B 56 1.29 9.74 21.23
CA ARG B 56 1.05 11.14 20.87
C ARG B 56 1.27 12.09 22.06
N LYS B 57 2.29 12.95 21.94
CA LYS B 57 2.55 13.99 22.93
C LYS B 57 1.39 15.03 22.93
N ALA B 58 0.75 15.18 24.09
CA ALA B 58 -0.45 16.03 24.23
C ALA B 58 -0.20 17.55 23.98
N ALA B 59 -1.28 18.25 23.60
CA ALA B 59 -1.19 19.69 23.24
C ALA B 59 -1.07 20.63 24.46
N SER B 60 -0.29 21.70 24.30
CA SER B 60 0.16 22.53 25.42
C SER B 60 -0.42 23.97 25.52
N PHE B 61 -1.15 24.42 24.50
CA PHE B 61 -1.86 25.71 24.55
C PHE B 61 -3.34 25.38 24.61
N ARG B 62 -3.94 25.65 25.77
CA ARG B 62 -5.25 25.09 26.11
C ARG B 62 -6.31 26.11 26.56
N ASN B 63 -6.09 27.38 26.23
CA ASN B 63 -7.03 28.45 26.59
C ASN B 63 -8.28 28.44 25.74
N TRP B 64 -9.34 29.08 26.25
CA TRP B 64 -10.65 29.10 25.62
C TRP B 64 -11.10 30.51 25.30
N ILE B 65 -11.83 30.63 24.19
CA ILE B 65 -12.54 31.86 23.84
C ILE B 65 -13.87 31.89 24.60
N GLN B 66 -14.09 32.99 25.32
CA GLN B 66 -15.10 33.06 26.37
C GLN B 66 -15.49 34.50 26.64
N PRO B 67 -16.77 34.76 27.01
CA PRO B 67 -17.20 36.11 27.35
C PRO B 67 -16.33 36.75 28.43
N ASN B 68 -15.97 35.96 29.45
CA ASN B 68 -15.36 36.47 30.67
C ASN B 68 -13.95 35.95 30.86
N GLY B 69 -13.03 36.45 30.05
CA GLY B 69 -11.65 36.02 30.13
C GLY B 69 -10.72 36.92 29.37
N ASP B 70 -9.53 36.40 29.09
CA ASP B 70 -8.52 37.10 28.32
C ASP B 70 -8.83 37.08 26.82
N PHE B 71 -9.64 36.11 26.41
CA PHE B 71 -9.94 35.86 25.02
C PHE B 71 -11.44 35.88 24.78
N THR B 72 -11.94 37.07 24.45
CA THR B 72 -13.36 37.35 24.25
C THR B 72 -13.73 37.25 22.76
N PRO B 73 -14.98 36.83 22.46
CA PRO B 73 -15.40 36.66 21.07
C PRO B 73 -15.64 37.97 20.31
N GLU B 74 -14.77 38.28 19.35
CA GLU B 74 -14.82 39.53 18.58
C GLU B 74 -14.50 39.28 17.12
N LYS B 75 -15.05 40.11 16.23
CA LYS B 75 -14.75 40.03 14.80
C LYS B 75 -13.29 40.39 14.53
N GLY B 76 -12.67 39.61 13.66
CA GLY B 76 -11.31 39.89 13.20
C GLY B 76 -10.21 39.87 14.27
N ARG B 77 -10.40 39.06 15.30
CA ARG B 77 -9.37 38.94 16.35
C ARG B 77 -8.58 37.63 16.24
N TYR B 78 -9.25 36.57 15.82
CA TYR B 78 -8.59 35.26 15.81
C TYR B 78 -8.22 34.77 14.40
N HIS B 79 -7.23 33.88 14.36
CA HIS B 79 -6.68 33.37 13.12
C HIS B 79 -6.26 31.91 13.30
N LEU B 80 -6.56 31.10 12.28
CA LEU B 80 -6.38 29.66 12.33
C LEU B 80 -5.34 29.29 11.30
N TYR B 81 -4.25 28.69 11.77
CA TYR B 81 -3.19 28.18 10.91
C TYR B 81 -3.35 26.68 10.78
N VAL B 82 -3.42 26.21 9.53
CA VAL B 82 -3.76 24.84 9.21
C VAL B 82 -2.97 24.26 8.02
N SER B 83 -3.05 22.94 7.88
CA SER B 83 -2.79 22.25 6.61
C SER B 83 -4.05 21.53 6.16
N TYR B 84 -4.31 21.49 4.86
CA TYR B 84 -5.44 20.74 4.36
C TYR B 84 -5.20 19.25 4.59
N ALA B 85 -3.93 18.89 4.78
CA ALA B 85 -3.54 17.47 4.91
C ALA B 85 -3.85 16.92 6.28
N CYS B 86 -3.66 17.74 7.30
CA CYS B 86 -3.84 17.31 8.69
C CYS B 86 -5.32 17.10 9.02
N PRO B 87 -5.73 15.87 9.40
CA PRO B 87 -7.13 15.66 9.77
C PRO B 87 -7.52 16.38 11.09
N TRP B 88 -6.53 16.66 11.94
CA TRP B 88 -6.79 17.36 13.20
C TRP B 88 -7.15 18.80 12.86
N ALA B 89 -6.28 19.49 12.13
CA ALA B 89 -6.52 20.83 11.64
C ALA B 89 -7.82 20.91 10.84
N THR B 90 -8.11 19.88 10.05
CA THR B 90 -9.27 19.86 9.16
C THR B 90 -10.58 19.83 9.94
N ARG B 91 -10.54 19.27 11.13
CA ARG B 91 -11.69 19.37 12.06
C ARG B 91 -12.11 20.84 12.23
N THR B 92 -11.13 21.69 12.48
CA THR B 92 -11.39 23.08 12.80
C THR B 92 -11.87 23.83 11.56
N LEU B 93 -11.43 23.42 10.37
CA LEU B 93 -11.91 24.01 9.12
C LEU B 93 -13.34 23.67 8.82
N ILE B 94 -13.70 22.41 9.07
CA ILE B 94 -15.06 21.98 8.83
C ILE B 94 -16.04 22.71 9.74
N VAL B 95 -15.72 22.75 11.03
CA VAL B 95 -16.60 23.38 12.00
C VAL B 95 -16.65 24.90 11.77
N ARG B 96 -15.52 25.50 11.44
CA ARG B 96 -15.47 26.92 11.12
C ARG B 96 -16.45 27.30 10.03
N LYS B 97 -16.56 26.45 9.00
CA LYS B 97 -17.49 26.70 7.91
C LYS B 97 -18.90 26.39 8.33
N LEU B 98 -19.08 25.32 9.09
CA LEU B 98 -20.42 24.88 9.46
C LEU B 98 -21.12 25.93 10.35
N LYS B 99 -20.32 26.60 11.18
CA LYS B 99 -20.80 27.60 12.12
C LYS B 99 -20.71 29.01 11.53
N GLY B 100 -20.29 29.08 10.26
CA GLY B 100 -20.16 30.33 9.53
C GLY B 100 -19.29 31.35 10.21
N LEU B 101 -18.11 30.94 10.67
CA LEU B 101 -17.24 31.79 11.48
C LEU B 101 -16.20 32.56 10.67
N GLU B 102 -16.34 32.54 9.36
CA GLU B 102 -15.33 33.16 8.51
C GLU B 102 -14.97 34.62 8.88
N ASP B 103 -15.96 35.44 9.28
CA ASP B 103 -15.68 36.87 9.53
C ASP B 103 -15.01 37.15 10.85
N PHE B 104 -15.02 36.14 11.72
CA PHE B 104 -14.40 36.27 13.03
C PHE B 104 -13.03 35.62 13.03
N ILE B 105 -12.83 34.66 12.14
CA ILE B 105 -11.65 33.80 12.15
C ILE B 105 -11.04 33.66 10.76
N GLY B 106 -9.85 34.22 10.59
CA GLY B 106 -9.06 34.04 9.36
C GLY B 106 -8.39 32.67 9.28
N VAL B 107 -7.97 32.29 8.08
CA VAL B 107 -7.27 31.04 7.84
C VAL B 107 -6.06 31.22 6.93
N THR B 108 -4.94 30.64 7.35
CA THR B 108 -3.73 30.51 6.53
C THR B 108 -3.41 29.01 6.38
N VAL B 109 -3.28 28.57 5.13
CA VAL B 109 -3.01 27.18 4.78
C VAL B 109 -1.51 27.01 4.48
N VAL B 110 -0.84 26.14 5.22
CA VAL B 110 0.60 25.90 4.97
C VAL B 110 0.81 25.00 3.74
N SER B 111 2.06 24.90 3.27
CA SER B 111 2.41 23.86 2.29
C SER B 111 2.31 22.43 2.91
N PRO B 112 1.82 21.44 2.12
CA PRO B 112 1.66 20.06 2.62
C PRO B 112 2.98 19.33 2.80
N ARG B 113 4.06 19.89 2.25
CA ARG B 113 5.36 19.23 2.25
C ARG B 113 6.17 19.56 3.50
N GLY B 115 9.12 19.22 5.42
CA GLY B 115 10.54 18.89 5.43
C GLY B 115 11.11 18.90 6.83
N SER B 116 12.44 18.96 6.92
CA SER B 116 13.13 18.85 8.21
C SER B 116 12.86 20.04 9.14
N ASN B 117 12.43 21.16 8.57
CA ASN B 117 12.05 22.32 9.37
C ASN B 117 10.57 22.39 9.75
N GLY B 118 9.81 21.34 9.43
CA GLY B 118 8.38 21.30 9.73
C GLY B 118 7.52 21.91 8.63
N TRP B 119 6.27 22.23 8.95
CA TRP B 119 5.34 22.82 7.96
C TRP B 119 5.83 24.17 7.44
N PRO B 120 6.03 24.28 6.11
CA PRO B 120 6.47 25.55 5.52
C PRO B 120 5.33 26.43 5.07
N PHE B 121 5.56 27.74 5.05
CA PHE B 121 4.61 28.65 4.43
C PHE B 121 4.96 28.81 2.95
N ALA B 122 3.95 29.18 2.14
CA ALA B 122 4.07 29.14 0.67
C ALA B 122 5.22 29.96 0.09
N ASN B 123 5.76 30.89 0.88
CA ASN B 123 6.91 31.67 0.42
C ASN B 123 8.20 30.88 0.57
N VAL B 124 8.21 29.92 1.48
CA VAL B 124 9.31 28.98 1.53
C VAL B 124 9.05 27.87 0.51
N ASP B 125 7.84 27.32 0.51
CA ASP B 125 7.53 26.20 -0.36
C ASP B 125 6.23 26.44 -1.08
N PRO B 126 6.31 27.01 -2.30
CA PRO B 126 5.12 27.29 -3.09
C PRO B 126 4.47 25.99 -3.50
N PHE B 127 3.14 25.95 -3.41
CA PHE B 127 2.38 24.76 -3.69
C PHE B 127 0.97 25.28 -3.92
N PRO B 128 0.23 24.69 -4.88
CA PRO B 128 -1.12 25.18 -5.15
C PRO B 128 -2.01 25.14 -3.91
N ALA B 129 -2.60 26.31 -3.61
CA ALA B 129 -3.51 26.51 -2.48
C ALA B 129 -2.80 26.67 -1.13
N ALA B 130 -1.48 26.81 -1.14
CA ALA B 130 -0.77 27.17 0.08
C ALA B 130 -0.59 28.69 0.20
N ASP B 131 -0.59 29.20 1.44
CA ASP B 131 -0.51 30.62 1.72
C ASP B 131 0.80 31.03 2.38
N SER B 132 1.16 32.29 2.17
CA SER B 132 2.15 32.96 3.00
C SER B 132 1.50 33.37 4.31
N ASP B 133 2.32 33.59 5.32
CA ASP B 133 1.81 34.05 6.62
C ASP B 133 1.61 35.57 6.58
N PRO B 134 0.35 36.02 6.63
CA PRO B 134 0.13 37.47 6.48
C PRO B 134 0.35 38.25 7.80
N LEU B 135 0.43 37.53 8.92
CA LEU B 135 0.41 38.15 10.24
C LEU B 135 1.77 38.35 10.89
N ASN B 136 2.51 37.25 11.01
CA ASN B 136 3.78 37.22 11.72
C ASN B 136 4.93 37.00 10.76
N ASN B 137 4.59 36.97 9.49
CA ASN B 137 5.50 36.66 8.40
C ASN B 137 6.37 35.41 8.63
N ALA B 138 5.84 34.44 9.37
CA ALA B 138 6.56 33.20 9.67
C ALA B 138 6.94 32.42 8.42
N GLN B 139 8.10 31.77 8.48
CA GLN B 139 8.58 30.94 7.38
C GLN B 139 8.12 29.50 7.60
N HIS B 140 8.14 29.05 8.85
CA HIS B 140 7.59 27.76 9.21
C HIS B 140 6.70 27.89 10.45
N VAL B 141 5.80 26.93 10.62
CA VAL B 141 4.92 26.89 11.79
C VAL B 141 5.70 27.02 13.12
N LYS B 142 6.90 26.45 13.17
CA LYS B 142 7.74 26.55 14.38
C LYS B 142 8.01 27.98 14.87
N ASP B 143 8.15 28.92 13.92
CA ASP B 143 8.33 30.34 14.25
C ASP B 143 7.19 30.89 15.13
N LEU B 144 5.95 30.47 14.83
CA LEU B 144 4.79 30.90 15.61
C LEU B 144 4.98 30.48 17.05
N TYR B 145 5.19 29.19 17.26
CA TYR B 145 5.50 28.63 18.58
C TYR B 145 6.69 29.32 19.25
N LEU B 146 7.82 29.41 18.54
CA LEU B 146 9.03 29.97 19.12
C LEU B 146 8.92 31.47 19.49
N LYS B 147 8.13 32.21 18.72
CA LYS B 147 7.88 33.65 18.97
C LYS B 147 7.24 33.91 20.32
N VAL B 148 6.33 33.03 20.73
CA VAL B 148 5.54 33.24 21.95
C VAL B 148 6.09 32.47 23.15
N LYS B 149 6.88 31.43 22.86
CA LYS B 149 7.49 30.59 23.88
C LYS B 149 8.84 30.11 23.35
N PRO B 150 9.88 30.95 23.47
CA PRO B 150 11.21 30.62 22.93
C PRO B 150 11.85 29.36 23.55
N ASP B 151 11.23 28.81 24.59
CA ASP B 151 11.72 27.60 25.26
C ASP B 151 10.81 26.37 25.07
N TYR B 152 9.82 26.48 24.19
CA TYR B 152 8.84 25.42 23.92
C TYR B 152 9.46 24.07 23.51
N ASP B 153 9.06 23.00 24.19
CA ASP B 153 9.71 21.68 24.05
C ASP B 153 8.88 20.57 23.34
N GLY B 154 7.72 20.94 22.78
CA GLY B 154 6.85 19.96 22.13
C GLY B 154 6.93 19.99 20.62
N ARG B 155 5.95 19.40 19.97
CA ARG B 155 5.90 19.36 18.51
C ARG B 155 5.30 20.66 17.99
N PHE B 156 5.77 21.11 16.83
CA PHE B 156 5.26 22.29 16.17
C PHE B 156 4.03 22.02 15.31
N THR B 157 2.90 21.71 15.95
CA THR B 157 1.74 21.15 15.24
C THR B 157 0.80 22.20 14.69
N VAL B 158 -0.09 21.74 13.82
CA VAL B 158 -1.25 22.49 13.41
C VAL B 158 -2.41 21.63 13.97
N PRO B 159 -3.59 22.22 14.19
CA PRO B 159 -3.95 23.62 13.98
C PRO B 159 -3.39 24.52 15.08
N VAL B 160 -3.18 25.80 14.77
CA VAL B 160 -2.78 26.81 15.75
C VAL B 160 -3.83 27.91 15.71
N LEU B 161 -4.55 28.09 16.83
CA LEU B 161 -5.52 29.18 16.96
C LEU B 161 -4.86 30.39 17.60
N TRP B 162 -4.72 31.43 16.81
CA TRP B 162 -3.89 32.58 17.14
C TRP B 162 -4.76 33.78 17.50
N ASP B 163 -4.30 34.55 18.49
CA ASP B 163 -4.92 35.84 18.85
C ASP B 163 -4.15 37.02 18.25
N LYS B 164 -4.76 37.67 17.25
CA LYS B 164 -4.17 38.85 16.58
C LYS B 164 -3.91 40.06 17.50
N HIS B 165 -4.63 40.11 18.64
CA HIS B 165 -4.57 41.23 19.59
C HIS B 165 -3.42 41.07 20.57
N THR B 166 -3.31 39.89 21.18
CA THR B 166 -2.27 39.63 22.21
C THR B 166 -0.97 39.04 21.65
N GLY B 167 -0.98 38.70 20.36
CA GLY B 167 0.16 38.07 19.67
C GLY B 167 0.59 36.77 20.33
N THR B 168 -0.39 35.94 20.71
CA THR B 168 -0.12 34.65 21.38
C THR B 168 -0.92 33.49 20.75
N ILE B 169 -0.63 32.27 21.16
CA ILE B 169 -1.43 31.13 20.77
C ILE B 169 -2.52 30.87 21.81
N VAL B 170 -3.77 30.97 21.39
CA VAL B 170 -4.89 30.66 22.27
C VAL B 170 -4.93 29.17 22.62
N ASN B 171 -4.98 28.34 21.59
CA ASN B 171 -5.27 26.91 21.75
C ASN B 171 -4.76 26.13 20.54
N ASN B 172 -4.10 25.01 20.78
CA ASN B 172 -3.59 24.21 19.66
C ASN B 172 -4.09 22.78 19.74
N GLU B 173 -5.27 22.62 20.33
CA GLU B 173 -5.87 21.31 20.52
C GLU B 173 -7.20 21.29 19.80
N SER B 174 -7.29 20.45 18.76
CA SER B 174 -8.37 20.50 17.80
C SER B 174 -9.73 20.19 18.43
N SER B 175 -9.72 19.34 19.45
CA SER B 175 -10.97 18.94 20.08
C SER B 175 -11.57 20.10 20.89
N GLU B 176 -10.71 21.00 21.37
CA GLU B 176 -11.16 22.16 22.14
C GLU B 176 -11.57 23.34 21.21
N ILE B 177 -10.76 23.58 20.17
CA ILE B 177 -11.08 24.57 19.15
C ILE B 177 -12.47 24.36 18.57
N ILE B 178 -12.78 23.14 18.15
CA ILE B 178 -14.10 22.89 17.60
C ILE B 178 -15.22 23.01 18.66
N ARG B 179 -14.92 22.68 19.91
CA ARG B 179 -15.89 22.81 21.01
C ARG B 179 -16.25 24.29 21.24
N PHE B 181 -15.71 26.74 19.06
CA PHE B 181 -16.26 27.22 17.81
C PHE B 181 -17.77 26.99 17.80
N ASN B 182 -18.21 25.96 18.52
CA ASN B 182 -19.63 25.57 18.53
C ASN B 182 -20.55 26.55 19.28
N THR B 183 -20.00 27.29 20.24
CA THR B 183 -20.85 28.15 21.08
C THR B 183 -20.36 29.57 21.30
N ALA B 184 -19.04 29.78 21.32
CA ALA B 184 -18.51 31.07 21.78
C ALA B 184 -18.96 32.32 20.99
N PHE B 185 -19.45 32.15 19.76
CA PHE B 185 -19.77 33.27 18.88
C PHE B 185 -21.27 33.28 18.55
N ASN B 186 -22.02 32.39 19.18
CA ASN B 186 -23.42 32.25 18.85
C ASN B 186 -24.22 33.55 18.89
N HIS B 187 -23.83 34.46 19.80
CA HIS B 187 -24.52 35.75 19.97
C HIS B 187 -24.24 36.73 18.83
N LEU B 188 -23.21 36.48 18.05
CA LEU B 188 -22.79 37.41 17.00
C LEU B 188 -23.09 36.87 15.61
N LEU B 189 -23.60 35.66 15.55
CA LEU B 189 -23.81 34.98 14.28
C LEU B 189 -25.26 35.10 13.82
N PRO B 190 -25.47 35.04 12.49
CA PRO B 190 -26.83 34.99 12.00
C PRO B 190 -27.53 33.74 12.50
N GLU B 191 -28.87 33.82 12.52
CA GLU B 191 -29.76 32.86 13.15
C GLU B 191 -29.41 31.37 12.95
N ASP B 192 -29.47 30.88 11.70
CA ASP B 192 -29.22 29.47 11.38
C ASP B 192 -27.86 28.99 11.83
N LYS B 193 -26.87 29.85 11.70
CA LYS B 193 -25.50 29.57 12.13
C LYS B 193 -25.38 29.56 13.65
N ALA B 194 -26.10 30.47 14.31
CA ALA B 194 -26.16 30.53 15.77
C ALA B 194 -26.81 29.29 16.35
N LYS B 195 -27.90 28.84 15.74
CA LYS B 195 -28.67 27.69 16.21
C LYS B 195 -27.92 26.35 16.11
N LEU B 196 -27.04 26.21 15.13
CA LEU B 196 -26.36 24.93 14.89
C LEU B 196 -25.60 24.48 16.13
N ASP B 197 -25.88 23.26 16.58
CA ASP B 197 -25.26 22.72 17.80
C ASP B 197 -24.69 21.33 17.54
N LEU B 198 -23.36 21.29 17.48
CA LEU B 198 -22.63 20.05 17.19
C LEU B 198 -22.39 19.27 18.48
N TYR B 199 -22.68 19.90 19.60
CA TYR B 199 -22.52 19.29 20.92
C TYR B 199 -23.77 19.54 21.80
N PRO B 200 -24.94 19.02 21.37
CA PRO B 200 -26.18 19.31 22.10
C PRO B 200 -26.33 18.52 23.41
N GLU B 201 -26.74 19.24 24.46
CA GLU B 201 -26.82 18.78 25.85
C GLU B 201 -27.22 17.32 26.05
N SER B 202 -28.31 16.89 25.42
CA SER B 202 -28.82 15.55 25.64
C SER B 202 -27.94 14.45 24.99
N LEU B 203 -27.12 14.84 24.03
CA LEU B 203 -26.22 13.88 23.36
C LEU B 203 -24.77 13.93 23.83
N ARG B 204 -24.44 14.89 24.69
CA ARG B 204 -23.06 15.06 25.13
C ARG B 204 -22.43 13.83 25.77
N ALA B 205 -23.26 12.95 26.32
CA ALA B 205 -22.74 11.77 27.01
C ALA B 205 -22.28 10.73 26.00
N LYS B 206 -23.17 10.41 25.07
CA LYS B 206 -22.88 9.50 23.97
C LYS B 206 -21.74 10.02 23.08
N ILE B 207 -21.76 11.32 22.76
CA ILE B 207 -20.69 11.95 21.99
C ILE B 207 -19.33 11.79 22.66
N ASP B 208 -19.26 12.08 23.96
CA ASP B 208 -18.03 11.97 24.72
C ASP B 208 -17.46 10.55 24.69
N GLU B 209 -18.38 9.60 24.79
CA GLU B 209 -18.11 8.17 24.78
C GLU B 209 -17.48 7.73 23.45
N VAL B 210 -18.17 8.00 22.33
CA VAL B 210 -17.70 7.63 21.00
C VAL B 210 -16.38 8.36 20.68
N ASN B 211 -16.36 9.67 20.93
CA ASN B 211 -15.17 10.48 20.76
C ASN B 211 -13.91 9.87 21.34
N ASP B 212 -14.01 9.33 22.56
CA ASP B 212 -12.87 8.78 23.29
CA ASP B 212 -12.83 8.81 23.25
C ASP B 212 -12.28 7.54 22.62
N TRP B 213 -13.15 6.61 22.25
CA TRP B 213 -12.66 5.38 21.63
C TRP B 213 -12.42 5.50 20.12
N VAL B 214 -13.16 6.39 19.45
CA VAL B 214 -12.83 6.76 18.07
C VAL B 214 -11.48 7.47 18.06
N TYR B 215 -11.28 8.40 18.96
CA TYR B 215 -9.96 9.01 19.04
C TYR B 215 -8.84 7.94 19.20
N ASP B 216 -9.03 7.00 20.12
CA ASP B 216 -7.96 6.11 20.55
C ASP B 216 -7.64 5.08 19.49
N THR B 217 -8.66 4.38 19.03
CA THR B 217 -8.48 3.27 18.14
C THR B 217 -8.52 3.61 16.61
N VAL B 218 -9.01 4.80 16.25
CA VAL B 218 -9.28 5.17 14.85
C VAL B 218 -8.53 6.43 14.40
N ASN B 219 -8.86 7.60 15.00
CA ASN B 219 -8.18 8.85 14.67
C ASN B 219 -6.69 8.69 14.88
N ASN B 220 -6.34 8.19 16.05
CA ASN B 220 -4.94 7.95 16.42
C ASN B 220 -4.51 6.54 16.04
N GLY B 221 -5.47 5.62 15.97
CA GLY B 221 -5.23 4.25 15.51
C GLY B 221 -4.44 4.13 14.22
N VAL B 222 -4.82 4.90 13.19
CA VAL B 222 -4.19 4.82 11.87
C VAL B 222 -2.72 5.21 11.97
N TYR B 223 -2.42 6.23 12.76
CA TYR B 223 -1.06 6.67 13.00
C TYR B 223 -0.28 5.65 13.85
N LYS B 224 -0.96 5.02 14.81
CA LYS B 224 -0.29 4.00 15.59
C LYS B 224 0.07 2.83 14.67
N SER B 225 -0.86 2.44 13.81
CA SER B 225 -0.57 1.43 12.79
C SER B 225 0.60 1.84 11.88
N GLY B 226 0.53 3.05 11.34
CA GLY B 226 1.50 3.49 10.36
C GLY B 226 2.90 3.76 10.87
N PHE B 227 3.01 4.29 12.09
CA PHE B 227 4.30 4.64 12.71
C PHE B 227 4.94 3.50 13.52
N ALA B 228 4.21 2.41 13.78
CA ALA B 228 4.78 1.25 14.48
C ALA B 228 6.01 0.74 13.76
N SER B 229 7.05 0.38 14.52
CA SER B 229 8.33 0.01 13.90
C SER B 229 8.69 -1.46 14.05
N THR B 230 7.77 -2.23 14.62
CA THR B 230 7.92 -3.67 14.72
C THR B 230 6.59 -4.29 14.33
N GLN B 231 6.66 -5.52 13.84
CA GLN B 231 5.49 -6.27 13.44
C GLN B 231 4.42 -6.30 14.54
N LYS B 232 4.85 -6.61 15.76
CA LYS B 232 3.94 -6.74 16.89
C LYS B 232 3.22 -5.43 17.26
N ALA B 233 3.94 -4.31 17.29
CA ALA B 233 3.29 -3.03 17.57
C ALA B 233 2.34 -2.67 16.44
N TYR B 234 2.73 -2.98 15.20
CA TYR B 234 1.85 -2.73 14.05
C TYR B 234 0.53 -3.48 14.21
N GLU B 235 0.62 -4.78 14.47
CA GLU B 235 -0.58 -5.59 14.60
C GLU B 235 -1.43 -5.20 15.81
N ALA B 236 -0.77 -4.74 16.88
CA ALA B 236 -1.46 -4.35 18.12
C ALA B 236 -2.33 -3.11 17.91
N ALA B 237 -1.93 -2.26 16.99
CA ALA B 237 -2.71 -1.07 16.59
C ALA B 237 -3.78 -1.35 15.53
N VAL B 238 -3.45 -2.12 14.48
CA VAL B 238 -4.33 -2.24 13.30
C VAL B 238 -5.56 -3.08 13.53
N ILE B 239 -5.46 -4.05 14.42
CA ILE B 239 -6.60 -4.90 14.73
C ILE B 239 -7.70 -4.11 15.46
N PRO B 240 -7.34 -3.36 16.53
CA PRO B 240 -8.39 -2.52 17.12
C PRO B 240 -8.96 -1.50 16.14
N LEU B 241 -8.10 -0.90 15.31
CA LEU B 241 -8.61 0.01 14.28
C LEU B 241 -9.77 -0.62 13.52
N PHE B 242 -9.55 -1.77 12.92
CA PHE B 242 -10.59 -2.41 12.15
C PHE B 242 -11.75 -2.97 12.98
N GLU B 243 -11.49 -3.39 14.22
CA GLU B 243 -12.58 -3.76 15.13
C GLU B 243 -13.52 -2.56 15.35
N SER B 244 -12.92 -1.41 15.65
CA SER B 244 -13.69 -0.17 15.84
C SER B 244 -14.47 0.25 14.58
N LEU B 245 -13.90 -0.01 13.41
CA LEU B 245 -14.57 0.30 12.16
C LEU B 245 -15.77 -0.60 11.99
N ASP B 246 -15.63 -1.88 12.33
CA ASP B 246 -16.74 -2.83 12.30
C ASP B 246 -17.90 -2.30 13.16
N ARG B 247 -17.53 -1.68 14.28
CA ARG B 247 -18.44 -1.16 15.29
C ARG B 247 -19.17 0.08 14.76
N LEU B 248 -18.39 1.07 14.30
CA LEU B 248 -18.95 2.25 13.62
C LEU B 248 -19.85 1.83 12.45
N GLU B 249 -19.42 0.84 11.69
CA GLU B 249 -20.18 0.34 10.55
C GLU B 249 -21.58 -0.17 10.95
N LYS B 250 -21.67 -0.87 12.08
CA LYS B 250 -22.99 -1.35 12.50
C LYS B 250 -23.79 -0.23 13.16
N LEU B 252 -23.92 2.70 12.16
CA LEU B 252 -24.50 3.47 11.07
C LEU B 252 -25.51 2.71 10.20
N GLU B 253 -25.89 1.50 10.62
CA GLU B 253 -26.73 0.61 9.80
C GLU B 253 -27.98 1.30 9.22
N GLY B 254 -28.70 2.05 10.04
CA GLY B 254 -29.90 2.70 9.53
C GLY B 254 -29.82 4.20 9.49
N GLN B 255 -28.64 4.73 9.81
CA GLN B 255 -28.45 6.14 10.14
C GLN B 255 -27.69 6.95 9.10
N ASP B 256 -27.87 8.27 9.15
CA ASP B 256 -27.08 9.21 8.38
C ASP B 256 -26.02 9.88 9.26
N TYR B 257 -26.16 9.72 10.58
CA TYR B 257 -25.21 10.30 11.54
C TYR B 257 -24.88 9.29 12.63
N LEU B 258 -23.74 9.45 13.28
CA LEU B 258 -23.30 8.50 14.29
C LEU B 258 -24.27 8.46 15.47
N ILE B 259 -24.53 9.64 16.01
CA ILE B 259 -25.24 9.80 17.28
C ILE B 259 -26.44 10.72 17.13
N GLY B 260 -27.62 10.19 17.44
CA GLY B 260 -28.79 11.01 17.73
C GLY B 260 -29.56 11.52 16.53
N GLY B 261 -29.32 10.94 15.37
CA GLY B 261 -30.07 11.31 14.18
C GLY B 261 -29.71 12.66 13.58
N GLN B 262 -28.72 13.35 14.16
CA GLN B 262 -28.26 14.64 13.63
C GLN B 262 -26.72 14.79 13.57
N LEU B 263 -26.26 15.76 12.78
CA LEU B 263 -24.84 16.10 12.69
C LEU B 263 -24.27 16.51 14.04
N THR B 264 -23.19 15.85 14.48
CA THR B 264 -22.50 16.22 15.71
C THR B 264 -21.00 16.26 15.49
N GLU B 265 -20.29 16.77 16.48
CA GLU B 265 -18.84 16.84 16.36
C GLU B 265 -18.18 15.46 16.28
N ALA B 266 -18.93 14.42 16.63
CA ALA B 266 -18.48 13.04 16.52
C ALA B 266 -18.37 12.61 15.06
N ASP B 267 -19.32 13.05 14.23
CA ASP B 267 -19.24 12.82 12.79
C ASP B 267 -18.04 13.57 12.24
N ILE B 268 -17.80 14.78 12.72
CA ILE B 268 -16.70 15.59 12.18
C ILE B 268 -15.34 14.97 12.50
N ARG B 269 -15.15 14.54 13.74
CA ARG B 269 -13.92 13.89 14.15
C ARG B 269 -13.63 12.57 13.43
N LEU B 270 -14.68 11.80 13.15
CA LEU B 270 -14.59 10.57 12.40
C LEU B 270 -14.28 10.83 10.91
N PHE B 271 -15.01 11.76 10.33
CA PHE B 271 -14.94 12.05 8.91
C PHE B 271 -13.51 12.30 8.47
N VAL B 272 -12.78 13.11 9.22
CA VAL B 272 -11.46 13.53 8.78
C VAL B 272 -10.53 12.33 8.62
N THR B 273 -10.77 11.27 9.41
CA THR B 273 -9.96 10.05 9.31
C THR B 273 -10.45 9.20 8.15
N ILE B 274 -11.75 8.99 8.10
CA ILE B 274 -12.36 8.13 7.10
C ILE B 274 -12.15 8.64 5.68
N VAL B 275 -12.14 9.95 5.50
CA VAL B 275 -11.97 10.52 4.17
C VAL B 275 -10.52 10.34 3.68
N ARG B 276 -9.59 10.22 4.63
CA ARG B 276 -8.18 10.01 4.33
C ARG B 276 -7.79 8.52 4.19
N PHE B 277 -8.76 7.62 4.42
CA PHE B 277 -8.48 6.20 4.63
C PHE B 277 -8.08 5.48 3.32
N ASP B 278 -8.97 5.46 2.34
CA ASP B 278 -8.66 4.87 1.04
C ASP B 278 -7.49 5.53 0.29
N PRO B 279 -7.47 6.87 0.23
CA PRO B 279 -6.39 7.57 -0.51
C PRO B 279 -5.05 7.54 0.16
N VAL B 280 -5.00 7.22 1.45
CA VAL B 280 -3.74 7.32 2.19
C VAL B 280 -3.49 6.18 3.17
N TYR B 281 -4.40 5.95 4.10
CA TYR B 281 -4.06 5.12 5.26
C TYR B 281 -3.89 3.66 4.87
N VAL B 282 -4.81 3.17 4.04
CA VAL B 282 -4.73 1.83 3.43
C VAL B 282 -3.29 1.45 3.00
N THR B 283 -2.69 2.23 2.11
CA THR B 283 -1.32 1.95 1.68
C THR B 283 -0.27 2.58 2.59
N HIS B 284 -0.33 3.89 2.78
CA HIS B 284 0.71 4.57 3.53
C HIS B 284 0.90 4.04 4.94
N PHE B 285 -0.19 3.72 5.63
CA PHE B 285 -0.14 3.32 7.04
C PHE B 285 -0.47 1.82 7.21
N LYS B 286 -0.53 1.11 6.09
CA LYS B 286 -0.77 -0.33 6.06
C LYS B 286 -2.06 -0.73 6.77
N CYS B 287 -3.03 0.19 6.79
CA CYS B 287 -4.35 -0.11 7.38
C CYS B 287 -5.22 -0.70 6.30
N ASN B 288 -5.07 -1.99 6.04
CA ASN B 288 -5.52 -2.51 4.73
C ASN B 288 -6.26 -3.84 4.77
N LEU B 289 -6.73 -4.22 5.95
CA LEU B 289 -7.57 -5.41 6.10
C LEU B 289 -8.67 -5.37 5.07
N ARG B 290 -9.25 -4.19 4.92
CA ARG B 290 -10.17 -3.88 3.82
C ARG B 290 -10.25 -2.37 3.71
N THR B 291 -10.96 -1.90 2.69
CA THR B 291 -11.07 -0.48 2.41
C THR B 291 -12.48 0.02 2.77
N ILE B 292 -12.63 1.34 2.80
CA ILE B 292 -13.91 1.97 3.06
C ILE B 292 -14.87 1.65 1.91
N ARG B 293 -14.50 2.06 0.69
CA ARG B 293 -15.33 1.90 -0.51
C ARG B 293 -15.79 0.47 -0.84
N ASP B 294 -15.03 -0.53 -0.41
CA ASP B 294 -15.34 -1.90 -0.81
C ASP B 294 -15.50 -2.77 0.40
N GLY B 295 -15.17 -2.21 1.56
CA GLY B 295 -15.24 -2.95 2.81
C GLY B 295 -16.32 -2.50 3.79
N TYR B 296 -16.68 -1.21 3.75
CA TYR B 296 -17.61 -0.63 4.74
C TYR B 296 -18.74 0.21 4.10
N PRO B 297 -19.84 -0.47 3.70
CA PRO B 297 -20.91 0.19 2.93
C PRO B 297 -21.52 1.36 3.71
N ASN B 298 -21.82 1.16 4.99
CA ASN B 298 -22.39 2.23 5.81
C ASN B 298 -21.47 3.43 6.00
N LEU B 299 -20.20 3.17 6.32
CA LEU B 299 -19.20 4.22 6.47
C LEU B 299 -18.99 4.96 5.16
N HIS B 300 -19.10 4.20 4.06
CA HIS B 300 -18.82 4.71 2.75
C HIS B 300 -19.95 5.66 2.33
N ARG B 301 -21.19 5.24 2.60
CA ARG B 301 -22.40 6.01 2.31
C ARG B 301 -22.40 7.29 3.17
N TRP B 302 -22.27 7.08 4.47
CA TRP B 302 -22.15 8.17 5.45
C TRP B 302 -21.13 9.20 5.00
N ARG B 304 -19.69 9.77 2.13
CA ARG B 304 -20.02 10.38 0.85
C ARG B 304 -21.16 11.38 0.95
N LYS B 305 -22.19 11.08 1.74
CA LYS B 305 -23.29 12.04 2.01
C LYS B 305 -22.71 13.35 2.55
N LEU B 306 -21.89 13.23 3.59
CA LEU B 306 -21.20 14.40 4.14
C LEU B 306 -20.40 15.15 3.09
N TYR B 307 -19.56 14.43 2.35
CA TYR B 307 -18.66 15.03 1.37
C TYR B 307 -19.40 15.76 0.24
N TRP B 308 -20.33 15.07 -0.40
CA TRP B 308 -20.99 15.62 -1.58
C TRP B 308 -22.07 16.62 -1.20
N GLY B 309 -22.72 16.39 -0.06
CA GLY B 309 -23.89 17.17 0.33
C GLY B 309 -23.66 18.39 1.19
N ASN B 310 -22.42 18.72 1.51
CA ASN B 310 -22.17 19.80 2.45
C ASN B 310 -20.82 20.46 2.18
N PRO B 311 -20.84 21.68 1.61
CA PRO B 311 -19.63 22.37 1.22
C PRO B 311 -18.60 22.47 2.34
N ALA B 312 -19.05 22.36 3.59
CA ALA B 312 -18.16 22.46 4.73
C ALA B 312 -17.21 21.24 4.81
N PHE B 313 -17.71 20.09 4.39
CA PHE B 313 -16.89 18.91 4.32
C PHE B 313 -16.10 18.86 3.00
N LYS B 314 -16.71 19.25 1.89
CA LYS B 314 -16.05 19.18 0.57
C LYS B 314 -15.00 20.25 0.31
N ASP B 315 -15.33 21.52 0.53
CA ASP B 315 -14.43 22.66 0.20
C ASP B 315 -13.17 22.69 1.06
N THR B 316 -13.24 22.05 2.22
CA THR B 316 -12.11 21.98 3.13
C THR B 316 -11.27 20.72 2.87
N CYS B 317 -11.67 19.93 1.88
CA CYS B 317 -11.04 18.65 1.57
C CYS B 317 -10.19 18.77 0.30
N ASN B 318 -8.89 18.94 0.49
CA ASN B 318 -7.99 19.02 -0.63
C ASN B 318 -7.14 17.76 -0.72
N PHE B 319 -7.55 16.85 -1.60
CA PHE B 319 -6.85 15.59 -1.80
C PHE B 319 -5.39 15.70 -2.26
N GLU B 320 -5.05 16.74 -3.02
CA GLU B 320 -3.67 16.88 -3.46
C GLU B 320 -2.75 17.13 -2.27
N HIS B 321 -3.23 17.97 -1.33
CA HIS B 321 -2.49 18.28 -0.12
C HIS B 321 -2.41 17.03 0.75
N ILE B 322 -3.51 16.31 0.84
CA ILE B 322 -3.59 15.11 1.65
C ILE B 322 -2.56 14.05 1.19
N LYS B 323 -2.59 13.72 -0.09
CA LYS B 323 -1.73 12.68 -0.62
C LYS B 323 -0.29 13.13 -0.67
N THR B 324 -0.08 14.37 -1.06
CA THR B 324 1.29 14.87 -1.08
C THR B 324 1.85 14.86 0.31
N HIS B 325 1.08 15.33 1.28
CA HIS B 325 1.70 15.50 2.59
C HIS B 325 2.22 14.18 3.16
N TYR B 326 1.35 13.17 3.26
CA TYR B 326 1.73 11.92 3.91
C TYR B 326 2.85 11.17 3.15
N PHE B 327 2.64 10.95 1.86
CA PHE B 327 3.56 10.17 1.04
C PHE B 327 4.90 10.84 0.86
N TRP B 328 4.90 12.17 0.72
CA TRP B 328 6.15 12.89 0.48
C TRP B 328 6.93 13.18 1.75
N SER B 329 6.23 13.41 2.84
CA SER B 329 6.90 13.82 4.08
C SER B 329 7.41 12.68 4.95
N HIS B 330 6.74 11.53 4.92
CA HIS B 330 7.11 10.45 5.86
C HIS B 330 8.11 9.45 5.29
N THR B 331 9.33 9.94 5.06
CA THR B 331 10.42 9.17 4.44
C THR B 331 10.84 7.95 5.25
N PHE B 332 10.52 7.93 6.54
CA PHE B 332 10.80 6.76 7.38
C PHE B 332 9.81 5.64 7.10
N ILE B 333 8.81 5.93 6.26
CA ILE B 333 7.85 4.94 5.83
C ILE B 333 8.01 4.77 4.31
N ASN B 334 8.27 5.86 3.62
CA ASN B 334 8.23 5.87 2.16
C ASN B 334 9.43 6.62 1.62
N PRO B 335 10.64 5.98 1.63
CA PRO B 335 11.92 6.66 1.39
C PRO B 335 12.06 7.55 0.16
N HIS B 336 11.44 7.17 -0.95
CA HIS B 336 11.58 7.94 -2.20
C HIS B 336 10.50 9.01 -2.41
N ARG B 337 9.62 9.18 -1.41
CA ARG B 337 8.62 10.26 -1.36
C ARG B 337 7.58 10.15 -2.48
N ILE B 338 7.47 8.98 -3.07
CA ILE B 338 6.56 8.76 -4.17
C ILE B 338 5.10 8.71 -3.73
N VAL B 339 4.25 9.38 -4.50
CA VAL B 339 2.83 9.48 -4.21
C VAL B 339 2.06 8.56 -5.15
N PRO B 340 1.48 7.46 -4.61
CA PRO B 340 0.72 6.57 -5.46
C PRO B 340 -0.40 7.30 -6.21
N ILE B 341 -0.69 6.87 -7.44
CA ILE B 341 -1.75 7.48 -8.25
C ILE B 341 -3.11 7.07 -7.73
N GLY B 342 -3.20 5.82 -7.28
CA GLY B 342 -4.43 5.26 -6.77
C GLY B 342 -4.69 5.55 -5.30
N PRO B 343 -5.88 5.18 -4.84
CA PRO B 343 -6.89 4.59 -5.70
C PRO B 343 -7.60 5.65 -6.54
N ILE B 344 -8.21 5.24 -7.66
CA ILE B 344 -8.96 6.16 -8.50
C ILE B 344 -10.42 5.77 -8.38
N PRO B 345 -11.30 6.73 -8.02
CA PRO B 345 -10.96 8.10 -7.68
C PRO B 345 -10.63 8.28 -6.18
N ASP B 346 -10.21 9.48 -5.82
CA ASP B 346 -9.99 9.85 -4.43
C ASP B 346 -11.19 9.51 -3.54
N ILE B 347 -12.37 9.83 -4.06
CA ILE B 347 -13.63 9.50 -3.43
C ILE B 347 -14.67 9.28 -4.52
N LEU B 348 -15.48 8.25 -4.34
CA LEU B 348 -16.50 7.87 -5.30
C LEU B 348 -17.71 8.80 -5.22
N PRO B 349 -18.45 8.94 -6.36
CA PRO B 349 -19.68 9.74 -6.33
C PRO B 349 -20.74 9.02 -5.51
N LEU B 350 -21.81 9.74 -5.16
CA LEU B 350 -22.94 9.18 -4.42
C LEU B 350 -23.59 8.03 -5.17
N ASP B 351 -24.16 7.08 -4.44
CA ASP B 351 -24.76 5.89 -5.09
C ASP B 351 -26.04 6.17 -5.87
#